data_5NC8
#
_entry.id   5NC8
#
_cell.length_a   71.600
_cell.length_b   71.600
_cell.length_c   140.350
_cell.angle_alpha   90.00
_cell.angle_beta   90.00
_cell.angle_gamma   90.00
#
_symmetry.space_group_name_H-M   'P 41 21 2'
#
loop_
_entity.id
_entity.type
_entity.pdbx_description
1 polymer 'Potassium efflux system protein'
2 non-polymer 'ADENOSINE MONOPHOSPHATE'
#
_entity_poly.entity_id   1
_entity_poly.type   'polypeptide(L)'
_entity_poly.pdbx_seq_one_letter_code
;MGHELEVDIEPKKTPENPEYDNEIEATNSVIIAGYGRFGQVVGRLLSAQGYHLSILDHSPSQIDMLRRFGNKVFYGDAAR
KDLLEAAGAKDAQLLVIAIDAPDKALEIVELAHKHYPQLKIVARAIDRRHAYQYLRLGVTSFKRETFDSAVNLGIEALTL
LGNSSTVAERAGDLFSQHDNASLHELAALWGDDHTYGVAVRQRMEDLKQVLAKDKAAQERLNTCKGGDCLEHHHHHH
;
_entity_poly.pdbx_strand_id   A,B
#
loop_
_chem_comp.id
_chem_comp.type
_chem_comp.name
_chem_comp.formula
AMP non-polymer 'ADENOSINE MONOPHOSPHATE' 'C10 H14 N5 O7 P'
#
# COMPACT_ATOMS: atom_id res chain seq x y z
N ASN A 28 14.26 15.78 15.88
CA ASN A 28 15.49 15.37 15.14
C ASN A 28 15.27 15.29 13.61
N SER A 29 16.30 14.85 12.87
CA SER A 29 16.32 15.01 11.42
C SER A 29 16.17 13.78 10.54
N VAL A 30 15.19 13.88 9.64
CA VAL A 30 14.83 12.80 8.74
C VAL A 30 14.82 13.28 7.28
N ILE A 31 15.41 12.48 6.40
CA ILE A 31 15.40 12.78 4.98
C ILE A 31 14.37 11.89 4.29
N ILE A 32 13.38 12.51 3.67
CA ILE A 32 12.40 11.77 2.92
C ILE A 32 12.74 11.97 1.46
N ALA A 33 13.12 10.88 0.81
CA ALA A 33 13.44 10.91 -0.59
C ALA A 33 12.22 10.44 -1.32
N GLY A 34 11.64 11.31 -2.14
CA GLY A 34 10.34 10.97 -2.79
C GLY A 34 9.20 11.44 -1.93
N TYR A 35 8.30 12.22 -2.51
CA TYR A 35 7.23 12.81 -1.71
C TYR A 35 5.93 12.71 -2.45
N GLY A 36 5.67 11.50 -2.94
CA GLY A 36 4.43 11.23 -3.59
C GLY A 36 3.44 10.81 -2.55
N ARG A 37 2.50 9.97 -2.96
CA ARG A 37 1.52 9.40 -2.04
C ARG A 37 2.19 8.70 -0.85
N PHE A 38 3.27 7.99 -1.12
CA PHE A 38 3.95 7.25 -0.08
C PHE A 38 4.64 8.20 0.88
N GLY A 39 5.56 9.02 0.37
CA GLY A 39 6.36 9.91 1.27
C GLY A 39 5.58 10.93 2.09
N GLN A 40 4.42 11.37 1.61
CA GLN A 40 3.63 12.34 2.35
C GLN A 40 2.98 11.76 3.57
N VAL A 41 2.52 10.51 3.45
CA VAL A 41 1.96 9.80 4.59
C VAL A 41 3.02 9.64 5.70
N VAL A 42 4.20 9.19 5.33
CA VAL A 42 5.28 9.01 6.28
C VAL A 42 5.70 10.35 6.82
N GLY A 43 5.77 11.35 5.94
CA GLY A 43 6.15 12.70 6.34
C GLY A 43 5.25 13.20 7.46
N ARG A 44 3.95 13.10 7.21
CA ARG A 44 2.92 13.47 8.17
C ARG A 44 3.03 12.68 9.48
N LEU A 45 3.08 11.36 9.35
CA LEU A 45 3.23 10.53 10.53
C LEU A 45 4.35 11.01 11.44
N LEU A 46 5.52 11.27 10.90
CA LEU A 46 6.69 11.62 11.71
C LEU A 46 6.66 13.04 12.25
N SER A 47 6.20 14.00 11.44
CA SER A 47 6.01 15.37 11.95
C SER A 47 5.04 15.44 13.12
N ALA A 48 4.13 14.46 13.19
CA ALA A 48 3.24 14.30 14.33
C ALA A 48 4.05 14.22 15.61
N GLN A 49 5.15 13.46 15.61
CA GLN A 49 6.03 13.40 16.79
C GLN A 49 7.07 14.45 16.82
N GLY A 50 7.10 15.27 15.79
CA GLY A 50 7.91 16.47 15.84
C GLY A 50 9.28 16.26 15.28
N TYR A 51 9.42 15.33 14.35
CA TYR A 51 10.67 15.23 13.63
C TYR A 51 10.73 16.24 12.50
N HIS A 52 11.78 17.04 12.47
CA HIS A 52 12.03 17.91 11.32
C HIS A 52 12.30 17.01 10.11
N LEU A 53 11.95 17.49 8.93
CA LEU A 53 12.11 16.71 7.72
C LEU A 53 12.85 17.49 6.64
N SER A 54 13.62 16.77 5.81
CA SER A 54 14.15 17.30 4.56
C SER A 54 13.63 16.44 3.43
N ILE A 55 12.85 17.04 2.55
CA ILE A 55 12.19 16.31 1.49
C ILE A 55 12.97 16.49 0.20
N LEU A 56 13.14 15.41 -0.56
CA LEU A 56 13.64 15.46 -1.94
C LEU A 56 12.58 14.92 -2.89
N ASP A 57 12.33 15.62 -3.99
CA ASP A 57 11.38 15.13 -5.03
C ASP A 57 11.68 15.71 -6.42
N HIS A 58 11.48 14.89 -7.45
CA HIS A 58 11.37 15.36 -8.83
C HIS A 58 10.26 16.42 -8.94
N SER A 59 10.50 17.46 -9.73
CA SER A 59 9.44 18.39 -10.11
C SER A 59 8.82 19.21 -8.95
N PRO A 60 8.96 20.55 -9.04
CA PRO A 60 8.29 21.54 -8.17
C PRO A 60 6.75 21.48 -8.14
N SER A 61 6.22 21.64 -6.93
CA SER A 61 4.79 21.79 -6.71
C SER A 61 4.57 23.22 -6.15
N GLN A 62 3.99 23.28 -4.95
CA GLN A 62 4.08 24.39 -4.01
C GLN A 62 4.36 23.69 -2.66
N ILE A 63 4.88 24.43 -1.67
CA ILE A 63 5.32 23.81 -0.41
C ILE A 63 5.28 24.66 0.87
N ASP A 64 5.04 23.94 1.96
CA ASP A 64 5.03 24.47 3.31
C ASP A 64 6.39 24.86 3.92
N MET A 65 6.41 26.07 4.47
CA MET A 65 7.30 26.41 5.57
C MET A 65 7.11 25.39 6.74
N LEU A 66 7.51 25.81 7.95
CA LEU A 66 7.32 25.06 9.20
C LEU A 66 7.81 23.63 9.09
N ASN A 71 10.37 22.44 7.85
CA ASN A 71 10.66 21.54 6.74
C ASN A 71 11.56 22.19 5.69
N LYS A 72 12.19 21.36 4.87
CA LYS A 72 13.25 21.79 3.97
C LYS A 72 13.20 20.96 2.71
N VAL A 73 13.06 21.64 1.57
CA VAL A 73 12.63 21.00 0.31
C VAL A 73 13.59 21.28 -0.85
N PHE A 74 14.05 20.21 -1.50
CA PHE A 74 15.00 20.32 -2.60
C PHE A 74 14.45 19.52 -3.75
N TYR A 75 14.43 20.12 -4.91
CA TYR A 75 13.92 19.46 -6.08
C TYR A 75 15.09 18.91 -6.92
N GLY A 76 15.06 17.60 -7.14
CA GLY A 76 16.07 16.93 -7.95
C GLY A 76 16.04 15.43 -7.82
N ASP A 77 17.01 14.79 -8.47
CA ASP A 77 17.18 13.34 -8.37
C ASP A 77 17.78 12.97 -7.01
N ALA A 78 17.02 12.22 -6.22
CA ALA A 78 17.40 11.84 -4.88
C ALA A 78 18.65 10.97 -4.87
N ALA A 79 18.84 10.23 -5.96
CA ALA A 79 20.06 9.42 -6.15
C ALA A 79 21.33 10.23 -6.54
N ARG A 80 21.28 11.56 -6.44
CA ARG A 80 22.47 12.41 -6.56
C ARG A 80 23.01 12.66 -5.17
N LYS A 81 24.32 12.47 -5.00
CA LYS A 81 24.96 12.64 -3.69
C LYS A 81 24.95 14.11 -3.26
N ASP A 82 25.32 15.02 -4.17
CA ASP A 82 25.32 16.45 -3.86
C ASP A 82 24.00 16.88 -3.23
N LEU A 83 22.89 16.26 -3.66
CA LEU A 83 21.54 16.64 -3.24
C LEU A 83 21.19 16.10 -1.84
N LEU A 84 21.52 14.84 -1.60
CA LEU A 84 21.44 14.25 -0.26
C LEU A 84 22.24 15.08 0.75
N GLU A 85 23.48 15.42 0.41
CA GLU A 85 24.35 16.25 1.24
C GLU A 85 23.69 17.57 1.61
N ALA A 86 22.99 18.14 0.63
CA ALA A 86 22.19 19.35 0.84
C ALA A 86 21.00 19.14 1.77
N ALA A 87 20.39 17.94 1.71
CA ALA A 87 19.35 17.56 2.67
C ALA A 87 19.96 17.16 4.01
N GLY A 88 21.24 17.47 4.19
CA GLY A 88 21.97 17.20 5.43
C GLY A 88 22.15 15.73 5.63
N ALA A 89 22.41 15.01 4.54
CA ALA A 89 22.65 13.57 4.64
C ALA A 89 23.85 13.28 5.53
N LYS A 90 24.80 14.22 5.56
CA LYS A 90 25.95 14.10 6.42
C LYS A 90 25.52 13.87 7.90
N ASP A 91 24.59 14.69 8.41
CA ASP A 91 24.21 14.64 9.84
C ASP A 91 22.80 14.10 10.17
N ALA A 92 21.99 13.78 9.17
CA ALA A 92 20.66 13.19 9.44
C ALA A 92 20.80 11.88 10.18
N GLN A 93 19.70 11.42 10.75
CA GLN A 93 19.68 10.18 11.53
C GLN A 93 19.10 9.03 10.70
N LEU A 94 18.00 9.31 10.00
CA LEU A 94 17.26 8.31 9.21
C LEU A 94 16.98 8.82 7.81
N LEU A 95 17.11 7.93 6.82
CA LEU A 95 16.72 8.17 5.44
C LEU A 95 15.54 7.27 5.07
N VAL A 96 14.44 7.87 4.68
CA VAL A 96 13.30 7.14 4.13
C VAL A 96 13.37 7.17 2.61
N ILE A 97 13.32 5.97 2.00
CA ILE A 97 13.25 5.83 0.54
C ILE A 97 11.81 5.55 0.13
N ALA A 98 11.18 6.54 -0.50
CA ALA A 98 9.74 6.55 -0.72
C ALA A 98 9.39 6.87 -2.17
N ILE A 99 10.35 6.61 -3.06
CA ILE A 99 10.19 6.83 -4.49
C ILE A 99 9.68 5.57 -5.21
N ASP A 100 9.09 5.79 -6.38
CA ASP A 100 8.43 4.72 -7.16
C ASP A 100 9.35 3.97 -8.12
N ALA A 101 10.56 4.50 -8.35
CA ALA A 101 11.58 3.89 -9.24
C ALA A 101 12.52 2.92 -8.47
N PRO A 102 12.40 1.59 -8.74
CA PRO A 102 13.10 0.59 -7.92
C PRO A 102 14.63 0.50 -8.11
N ASP A 103 15.12 0.82 -9.29
CA ASP A 103 16.54 0.81 -9.57
C ASP A 103 17.24 1.98 -8.85
N LYS A 104 16.74 3.20 -9.04
CA LYS A 104 17.22 4.36 -8.27
C LYS A 104 17.17 4.09 -6.79
N ALA A 105 16.12 3.42 -6.33
CA ALA A 105 15.98 3.17 -4.91
C ALA A 105 17.20 2.41 -4.40
N LEU A 106 17.60 1.36 -5.11
CA LEU A 106 18.78 0.57 -4.74
C LEU A 106 20.08 1.38 -4.88
N GLU A 107 20.19 2.14 -5.96
CA GLU A 107 21.27 3.10 -6.19
C GLU A 107 21.49 4.06 -5.01
N ILE A 108 20.41 4.50 -4.36
CA ILE A 108 20.52 5.31 -3.16
C ILE A 108 21.03 4.50 -1.98
N VAL A 109 20.47 3.30 -1.80
CA VAL A 109 20.85 2.43 -0.68
C VAL A 109 22.38 2.23 -0.64
N GLU A 110 22.95 2.00 -1.81
CA GLU A 110 24.40 1.89 -1.95
C GLU A 110 25.15 3.18 -1.57
N LEU A 111 24.70 4.33 -2.08
CA LEU A 111 25.37 5.60 -1.74
C LEU A 111 25.30 5.82 -0.26
N ALA A 112 24.15 5.49 0.33
CA ALA A 112 23.97 5.63 1.76
C ALA A 112 25.00 4.76 2.46
N HIS A 113 25.12 3.50 2.06
CA HIS A 113 26.14 2.62 2.64
C HIS A 113 27.55 3.17 2.44
N LYS A 114 27.88 3.42 1.18
CA LYS A 114 29.21 3.88 0.78
C LYS A 114 29.68 5.14 1.51
N HIS A 115 28.77 6.09 1.72
CA HIS A 115 29.12 7.44 2.20
C HIS A 115 28.49 7.87 3.51
N TYR A 116 27.36 7.31 3.90
CA TYR A 116 26.69 7.75 5.12
C TYR A 116 26.29 6.49 5.88
N PRO A 117 27.30 5.78 6.43
CA PRO A 117 27.04 4.50 7.10
C PRO A 117 26.33 4.68 8.44
N GLN A 118 26.32 5.90 8.99
CA GLN A 118 25.61 6.17 10.24
C GLN A 118 24.13 6.47 10.04
N LEU A 119 23.73 6.47 8.77
CA LEU A 119 22.37 6.72 8.35
C LEU A 119 21.60 5.41 8.36
N LYS A 120 20.50 5.40 9.11
CA LYS A 120 19.55 4.29 9.07
C LYS A 120 18.63 4.49 7.86
N ILE A 121 18.08 3.38 7.37
CA ILE A 121 17.30 3.39 6.15
C ILE A 121 16.06 2.52 6.27
N VAL A 122 14.90 3.16 6.17
CA VAL A 122 13.64 2.47 5.80
C VAL A 122 13.36 2.67 4.29
N ALA A 123 12.75 1.66 3.67
CA ALA A 123 12.53 1.69 2.23
C ALA A 123 11.20 1.06 1.72
N ARG A 124 10.63 1.72 0.72
CA ARG A 124 9.46 1.25 0.00
C ARG A 124 9.88 0.21 -1.03
N ALA A 125 9.37 -1.00 -0.93
CA ALA A 125 9.62 -1.98 -1.99
C ALA A 125 8.36 -2.11 -2.84
N ILE A 126 8.54 -2.19 -4.15
CA ILE A 126 7.43 -2.23 -5.11
C ILE A 126 6.71 -3.59 -5.07
N ASP A 127 7.49 -4.66 -4.94
CA ASP A 127 6.97 -6.02 -5.02
C ASP A 127 7.98 -7.02 -4.44
N ARG A 128 7.63 -8.30 -4.43
CA ARG A 128 8.49 -9.35 -3.85
C ARG A 128 9.93 -9.33 -4.38
N ARG A 129 10.09 -9.26 -5.70
CA ARG A 129 11.40 -9.25 -6.34
C ARG A 129 12.26 -8.08 -5.84
N HIS A 130 11.71 -6.88 -5.82
CA HIS A 130 12.43 -5.70 -5.30
C HIS A 130 12.81 -5.88 -3.83
N ALA A 131 11.94 -6.52 -3.06
CA ALA A 131 12.19 -6.77 -1.64
C ALA A 131 13.39 -7.70 -1.45
N TYR A 132 13.47 -8.76 -2.25
CA TYR A 132 14.68 -9.60 -2.27
C TYR A 132 15.98 -8.84 -2.51
N GLN A 133 15.93 -7.78 -3.31
CA GLN A 133 17.12 -7.06 -3.68
C GLN A 133 17.59 -6.19 -2.53
N TYR A 134 16.64 -5.60 -1.81
CA TYR A 134 16.94 -4.85 -0.60
C TYR A 134 17.61 -5.77 0.38
N LEU A 135 17.08 -6.98 0.50
CA LEU A 135 17.59 -7.96 1.45
C LEU A 135 19.01 -8.36 1.15
N ARG A 136 19.30 -8.46 -0.14
CA ARG A 136 20.59 -8.88 -0.62
C ARG A 136 21.63 -7.82 -0.31
N LEU A 137 21.21 -6.56 -0.19
CA LEU A 137 22.09 -5.48 0.28
C LEU A 137 21.91 -5.22 1.78
N GLY A 138 21.32 -6.18 2.48
CA GLY A 138 21.23 -6.12 3.92
C GLY A 138 20.26 -5.10 4.47
N VAL A 139 19.40 -4.56 3.62
CA VAL A 139 18.28 -3.71 4.08
C VAL A 139 17.11 -4.62 4.44
N THR A 140 16.77 -4.65 5.72
CA THR A 140 15.68 -5.51 6.20
C THR A 140 14.41 -4.70 6.54
N SER A 141 14.61 -3.42 6.88
CA SER A 141 13.52 -2.49 7.17
C SER A 141 12.92 -1.91 5.90
N PHE A 142 12.07 -2.69 5.26
CA PHE A 142 11.28 -2.21 4.14
C PHE A 142 9.84 -2.75 4.23
N LYS A 143 9.02 -2.27 3.30
CA LYS A 143 7.63 -2.60 3.25
C LYS A 143 7.22 -2.60 1.79
N ARG A 144 6.63 -3.70 1.31
CA ARG A 144 6.00 -3.73 -0.01
C ARG A 144 4.81 -2.79 -0.04
N GLU A 145 4.69 -2.00 -1.10
CA GLU A 145 3.79 -0.85 -1.09
C GLU A 145 2.32 -1.22 -1.04
N THR A 146 1.89 -2.22 -1.83
CA THR A 146 0.48 -2.63 -1.85
C THR A 146 0.10 -3.75 -0.89
N PHE A 147 1.05 -4.25 -0.09
CA PHE A 147 0.81 -5.51 0.62
C PHE A 147 -0.12 -5.34 1.81
N ASP A 148 0.14 -4.35 2.65
CA ASP A 148 -0.58 -4.19 3.91
C ASP A 148 -2.01 -3.71 3.66
N SER A 149 -2.19 -2.91 2.61
CA SER A 149 -3.54 -2.47 2.23
C SER A 149 -4.31 -3.63 1.65
N ALA A 150 -3.65 -4.48 0.85
CA ALA A 150 -4.32 -5.64 0.31
C ALA A 150 -4.75 -6.58 1.45
N VAL A 151 -3.85 -6.84 2.39
CA VAL A 151 -4.19 -7.70 3.52
C VAL A 151 -5.41 -7.15 4.23
N ASN A 152 -5.41 -5.85 4.46
CA ASN A 152 -6.51 -5.20 5.16
C ASN A 152 -7.80 -5.17 4.37
N LEU A 153 -7.70 -5.04 3.06
CA LEU A 153 -8.90 -5.10 2.25
C LEU A 153 -9.49 -6.47 2.39
N GLY A 154 -8.63 -7.49 2.42
CA GLY A 154 -9.07 -8.86 2.63
C GLY A 154 -9.58 -9.20 4.03
N ILE A 155 -9.29 -8.35 5.01
CA ILE A 155 -9.80 -8.55 6.35
C ILE A 155 -11.23 -7.98 6.38
N GLU A 156 -11.38 -6.79 5.78
CA GLU A 156 -12.69 -6.21 5.50
C GLU A 156 -13.54 -7.14 4.68
N ALA A 157 -12.93 -7.83 3.73
CA ALA A 157 -13.66 -8.82 2.97
C ALA A 157 -14.20 -9.86 3.93
N LEU A 158 -13.33 -10.49 4.72
CA LEU A 158 -13.73 -11.62 5.57
C LEU A 158 -14.84 -11.22 6.55
N THR A 159 -14.76 -10.01 7.11
CA THR A 159 -15.82 -9.52 7.98
C THR A 159 -17.14 -9.40 7.22
N LEU A 160 -17.08 -8.84 6.01
CA LEU A 160 -18.26 -8.75 5.12
C LEU A 160 -18.88 -10.11 4.82
N LEU A 161 -18.12 -11.19 4.82
CA LEU A 161 -18.70 -12.53 4.71
C LEU A 161 -19.03 -13.11 6.14
N GLY A 162 -19.19 -12.24 7.12
CA GLY A 162 -19.70 -12.61 8.45
C GLY A 162 -18.75 -13.42 9.30
N ASN A 163 -17.48 -13.04 9.32
CA ASN A 163 -16.51 -13.58 10.25
C ASN A 163 -16.25 -12.48 11.26
N SER A 164 -16.16 -12.81 12.53
CA SER A 164 -15.95 -11.79 13.55
C SER A 164 -14.64 -11.07 13.27
N SER A 165 -14.56 -9.79 13.58
CA SER A 165 -13.33 -9.06 13.32
C SER A 165 -12.09 -9.72 13.96
N THR A 166 -12.25 -10.35 15.13
CA THR A 166 -11.13 -11.06 15.78
C THR A 166 -10.59 -12.20 14.92
N VAL A 167 -11.47 -13.02 14.34
CA VAL A 167 -10.99 -14.14 13.52
C VAL A 167 -10.54 -13.63 12.16
N ALA A 168 -11.24 -12.61 11.63
CA ALA A 168 -10.88 -11.98 10.37
C ALA A 168 -9.46 -11.41 10.49
N GLU A 169 -9.21 -10.63 11.55
CA GLU A 169 -7.88 -10.06 11.80
C GLU A 169 -6.79 -11.06 12.17
N ARG A 170 -7.14 -12.15 12.84
CA ARG A 170 -6.17 -13.18 13.20
C ARG A 170 -5.68 -13.86 11.93
N ALA A 171 -6.62 -14.10 11.01
CA ALA A 171 -6.32 -14.62 9.67
C ALA A 171 -5.31 -13.75 8.94
N GLY A 172 -5.50 -12.43 9.02
CA GLY A 172 -4.61 -11.46 8.42
C GLY A 172 -3.21 -11.57 8.98
N ASP A 173 -3.10 -11.61 10.31
CA ASP A 173 -1.80 -11.65 11.00
C ASP A 173 -1.01 -12.86 10.63
N LEU A 174 -1.66 -14.00 10.71
CA LEU A 174 -0.98 -15.23 10.45
C LEU A 174 -0.52 -15.22 9.00
N PHE A 175 -1.35 -14.66 8.12
CA PHE A 175 -1.01 -14.58 6.69
C PHE A 175 0.20 -13.72 6.48
N SER A 176 0.16 -12.50 7.02
CA SER A 176 1.32 -11.59 6.99
C SER A 176 2.58 -12.25 7.56
N GLN A 177 2.59 -12.49 8.88
CA GLN A 177 3.74 -13.07 9.60
C GLN A 177 4.45 -14.09 8.71
N HIS A 178 3.68 -15.03 8.17
CA HIS A 178 4.27 -16.07 7.38
C HIS A 178 4.86 -15.56 6.08
N ASP A 179 4.08 -14.78 5.35
CA ASP A 179 4.51 -14.28 4.07
C ASP A 179 5.84 -13.54 4.22
N ASN A 180 5.92 -12.63 5.18
CA ASN A 180 7.17 -11.91 5.45
C ASN A 180 8.27 -12.84 5.96
N ALA A 181 7.96 -13.66 6.95
CA ALA A 181 8.89 -14.70 7.39
C ALA A 181 9.46 -15.42 6.18
N SER A 182 8.63 -16.13 5.43
CA SER A 182 9.14 -16.97 4.36
C SER A 182 9.86 -16.18 3.28
N LEU A 183 9.48 -14.93 3.09
CA LEU A 183 10.19 -14.05 2.17
C LEU A 183 11.66 -13.92 2.57
N HIS A 184 11.90 -13.66 3.87
CA HIS A 184 13.25 -13.57 4.43
C HIS A 184 13.98 -14.92 4.44
N GLU A 185 13.32 -15.97 4.93
CA GLU A 185 13.93 -17.28 5.01
C GLU A 185 14.63 -17.55 3.67
N LEU A 186 13.90 -17.56 2.56
CA LEU A 186 14.54 -17.84 1.25
C LEU A 186 15.65 -16.82 0.90
N ALA A 187 15.42 -15.55 1.22
CA ALA A 187 16.45 -14.53 1.01
C ALA A 187 17.75 -14.93 1.74
N ALA A 188 17.60 -15.49 2.95
CA ALA A 188 18.71 -15.93 3.83
C ALA A 188 19.65 -16.99 3.22
N LEU A 189 19.16 -17.69 2.21
CA LEU A 189 19.99 -18.65 1.46
C LEU A 189 20.37 -18.13 0.05
N TRP A 190 20.70 -16.83 -0.02
CA TRP A 190 21.32 -16.16 -1.18
C TRP A 190 21.61 -17.07 -2.39
N ASN B 28 -19.44 -19.14 -7.57
CA ASN B 28 -19.86 -18.72 -6.19
C ASN B 28 -18.70 -18.16 -5.38
N SER B 29 -18.91 -18.04 -4.08
CA SER B 29 -18.04 -17.23 -3.29
C SER B 29 -17.73 -15.82 -3.74
N VAL B 30 -16.53 -15.65 -4.30
CA VAL B 30 -15.94 -14.32 -4.45
C VAL B 30 -15.38 -14.04 -5.86
N ILE B 31 -15.66 -12.85 -6.39
CA ILE B 31 -15.15 -12.46 -7.68
C ILE B 31 -14.03 -11.48 -7.46
N ILE B 32 -12.83 -11.84 -7.91
CA ILE B 32 -11.68 -10.95 -7.81
C ILE B 32 -11.45 -10.39 -9.20
N ALA B 33 -11.67 -9.09 -9.34
CA ALA B 33 -11.49 -8.42 -10.62
C ALA B 33 -10.13 -7.77 -10.57
N GLY B 34 -9.22 -8.20 -11.44
CA GLY B 34 -7.82 -7.79 -11.33
C GLY B 34 -7.05 -8.76 -10.47
N TYR B 35 -5.94 -9.27 -11.00
CA TYR B 35 -5.18 -10.27 -10.29
C TYR B 35 -3.68 -9.96 -10.40
N GLY B 36 -3.35 -8.71 -10.12
CA GLY B 36 -1.95 -8.33 -10.07
C GLY B 36 -1.45 -8.58 -8.67
N ARG B 37 -0.51 -7.74 -8.24
CA ARG B 37 0.02 -7.81 -6.90
C ARG B 37 -1.08 -7.69 -5.86
N PHE B 38 -2.01 -6.77 -6.10
CA PHE B 38 -3.07 -6.54 -5.13
C PHE B 38 -4.01 -7.76 -5.06
N GLY B 39 -4.63 -8.13 -6.18
CA GLY B 39 -5.59 -9.23 -6.18
C GLY B 39 -5.09 -10.59 -5.72
N GLN B 40 -3.83 -10.89 -5.94
CA GLN B 40 -3.28 -12.19 -5.54
C GLN B 40 -3.15 -12.32 -4.04
N VAL B 41 -2.79 -11.23 -3.38
CA VAL B 41 -2.64 -11.23 -1.93
C VAL B 41 -4.02 -11.52 -1.33
N VAL B 42 -5.03 -10.79 -1.82
CA VAL B 42 -6.41 -10.97 -1.35
C VAL B 42 -6.91 -12.34 -1.74
N GLY B 43 -6.62 -12.77 -2.95
CA GLY B 43 -6.99 -14.10 -3.42
C GLY B 43 -6.48 -15.16 -2.47
N ARG B 44 -5.18 -15.10 -2.19
CA ARG B 44 -4.50 -16.02 -1.29
C ARG B 44 -5.12 -15.97 0.10
N LEU B 45 -5.21 -14.77 0.66
CA LEU B 45 -5.81 -14.62 1.97
C LEU B 45 -7.14 -15.36 2.11
N LEU B 46 -8.05 -15.15 1.15
CA LEU B 46 -9.37 -15.74 1.23
C LEU B 46 -9.37 -17.26 0.96
N SER B 47 -8.61 -17.72 -0.01
CA SER B 47 -8.51 -19.17 -0.28
C SER B 47 -7.92 -19.93 0.88
N ALA B 48 -7.15 -19.23 1.72
CA ALA B 48 -6.73 -19.79 3.00
C ALA B 48 -7.93 -20.29 3.80
N GLN B 49 -9.01 -19.52 3.86
CA GLN B 49 -10.24 -19.91 4.58
C GLN B 49 -11.17 -20.76 3.71
N GLY B 50 -10.79 -20.96 2.46
CA GLY B 50 -11.46 -21.90 1.59
C GLY B 50 -12.60 -21.29 0.82
N TYR B 51 -12.51 -19.99 0.54
CA TYR B 51 -13.50 -19.35 -0.32
C TYR B 51 -13.15 -19.63 -1.75
N HIS B 52 -14.10 -20.17 -2.50
CA HIS B 52 -13.92 -20.34 -3.93
C HIS B 52 -13.77 -18.94 -4.55
N LEU B 53 -13.00 -18.85 -5.63
CA LEU B 53 -12.77 -17.57 -6.28
C LEU B 53 -13.03 -17.65 -7.79
N SER B 54 -13.51 -16.55 -8.35
CA SER B 54 -13.53 -16.36 -9.79
C SER B 54 -12.71 -15.12 -10.10
N ILE B 55 -11.61 -15.30 -10.84
CA ILE B 55 -10.66 -14.24 -11.10
C ILE B 55 -10.90 -13.71 -12.51
N LEU B 56 -10.89 -12.38 -12.64
CA LEU B 56 -10.89 -11.72 -13.95
C LEU B 56 -9.60 -10.92 -14.10
N ASP B 57 -8.94 -11.04 -15.26
CA ASP B 57 -7.77 -10.19 -15.54
C ASP B 57 -7.59 -9.90 -17.05
N HIS B 58 -7.19 -8.66 -17.36
CA HIS B 58 -6.78 -8.22 -18.71
C HIS B 58 -5.82 -9.11 -19.42
N SER B 59 -4.76 -9.51 -18.71
CA SER B 59 -3.48 -9.82 -19.34
C SER B 59 -2.98 -11.24 -19.09
N PRO B 60 -2.01 -11.71 -19.92
CA PRO B 60 -1.46 -13.06 -19.82
C PRO B 60 -0.97 -13.46 -18.42
N SER B 61 -1.67 -14.42 -17.84
CA SER B 61 -1.30 -14.95 -16.54
C SER B 61 -0.49 -16.22 -16.71
N GLN B 62 0.17 -16.62 -15.62
CA GLN B 62 0.68 -17.97 -15.48
C GLN B 62 -0.45 -18.69 -14.75
N ILE B 63 -0.46 -20.01 -14.82
CA ILE B 63 -1.44 -20.80 -14.08
C ILE B 63 -1.42 -20.53 -12.58
N ASP B 64 -2.62 -20.37 -12.04
CA ASP B 64 -2.90 -20.27 -10.62
C ASP B 64 -2.74 -21.60 -9.85
N ASN B 71 -8.47 -20.62 -9.80
CA ASN B 71 -9.68 -21.27 -9.33
C ASN B 71 -10.74 -21.35 -10.44
N LYS B 72 -11.32 -20.23 -10.84
CA LYS B 72 -12.05 -20.12 -12.13
C LYS B 72 -11.64 -18.79 -12.74
N VAL B 73 -11.03 -18.84 -13.92
CA VAL B 73 -10.28 -17.71 -14.47
C VAL B 73 -10.78 -17.30 -15.85
N PHE B 74 -11.08 -16.01 -15.99
CA PHE B 74 -11.59 -15.48 -17.24
C PHE B 74 -10.75 -14.29 -17.64
N TYR B 75 -10.28 -14.30 -18.88
CA TYR B 75 -9.41 -13.24 -19.36
C TYR B 75 -10.25 -12.26 -20.13
N GLY B 76 -10.24 -11.02 -19.69
CA GLY B 76 -10.95 -9.97 -20.38
C GLY B 76 -11.08 -8.72 -19.55
N ASP B 77 -11.81 -7.75 -20.09
CA ASP B 77 -12.10 -6.53 -19.39
C ASP B 77 -13.14 -6.79 -18.30
N ALA B 78 -12.74 -6.60 -17.04
CA ALA B 78 -13.62 -6.83 -15.88
C ALA B 78 -14.86 -5.93 -15.90
N ALA B 79 -14.70 -4.76 -16.52
CA ALA B 79 -15.80 -3.83 -16.71
C ALA B 79 -16.78 -4.20 -17.85
N ARG B 80 -16.71 -5.42 -18.37
CA ARG B 80 -17.73 -5.98 -19.27
C ARG B 80 -18.71 -6.78 -18.43
N LYS B 81 -20.00 -6.56 -18.66
CA LYS B 81 -21.04 -7.26 -17.92
C LYS B 81 -21.11 -8.75 -18.27
N ASP B 82 -21.08 -9.08 -19.56
CA ASP B 82 -21.07 -10.48 -19.98
C ASP B 82 -20.03 -11.30 -19.24
N LEU B 83 -18.89 -10.68 -18.91
CA LEU B 83 -17.75 -11.35 -18.28
C LEU B 83 -17.97 -11.56 -16.79
N LEU B 84 -18.45 -10.53 -16.11
CA LEU B 84 -18.87 -10.66 -14.72
C LEU B 84 -19.90 -11.76 -14.56
N GLU B 85 -20.92 -11.75 -15.41
CA GLU B 85 -21.97 -12.77 -15.42
C GLU B 85 -21.39 -14.17 -15.52
N ALA B 86 -20.36 -14.29 -16.35
CA ALA B 86 -19.62 -15.55 -16.49
C ALA B 86 -18.86 -15.91 -15.20
N ALA B 87 -18.34 -14.91 -14.49
CA ALA B 87 -17.72 -15.14 -13.19
C ALA B 87 -18.77 -15.38 -12.11
N GLY B 88 -20.01 -15.60 -12.56
CA GLY B 88 -21.14 -15.86 -11.68
C GLY B 88 -21.51 -14.63 -10.89
N ALA B 89 -21.42 -13.46 -11.52
CA ALA B 89 -21.76 -12.20 -10.82
C ALA B 89 -23.21 -12.23 -10.36
N LYS B 90 -24.04 -12.96 -11.10
CA LYS B 90 -25.44 -13.15 -10.74
C LYS B 90 -25.57 -13.72 -9.29
N ASP B 91 -24.81 -14.76 -8.97
CA ASP B 91 -24.95 -15.47 -7.66
C ASP B 91 -23.78 -15.29 -6.66
N ALA B 92 -22.71 -14.61 -7.02
CA ALA B 92 -21.61 -14.36 -6.09
C ALA B 92 -22.10 -13.54 -4.88
N GLN B 93 -21.30 -13.53 -3.82
CA GLN B 93 -21.65 -12.82 -2.60
C GLN B 93 -20.91 -11.49 -2.52
N LEU B 94 -19.62 -11.51 -2.84
CA LEU B 94 -18.72 -10.35 -2.75
C LEU B 94 -17.92 -10.16 -4.03
N LEU B 95 -17.76 -8.90 -4.44
CA LEU B 95 -16.88 -8.50 -5.54
C LEU B 95 -15.74 -7.69 -5.00
N VAL B 96 -14.52 -8.16 -5.21
CA VAL B 96 -13.30 -7.40 -4.93
C VAL B 96 -12.84 -6.68 -6.20
N ILE B 97 -12.66 -5.37 -6.11
CA ILE B 97 -12.09 -4.57 -7.19
C ILE B 97 -10.61 -4.29 -6.86
N ALA B 98 -9.73 -4.90 -7.64
CA ALA B 98 -8.31 -4.98 -7.32
C ALA B 98 -7.44 -4.58 -8.51
N ILE B 99 -8.02 -3.82 -9.43
CA ILE B 99 -7.35 -3.38 -10.65
C ILE B 99 -6.71 -2.01 -10.46
N ASP B 100 -5.72 -1.71 -11.30
CA ASP B 100 -4.93 -0.48 -11.18
C ASP B 100 -5.52 0.74 -11.93
N ALA B 101 -6.51 0.50 -12.79
CA ALA B 101 -7.19 1.55 -13.59
C ALA B 101 -8.40 2.13 -12.87
N PRO B 102 -8.32 3.41 -12.44
CA PRO B 102 -9.33 3.97 -11.52
C PRO B 102 -10.67 4.30 -12.17
N ASP B 103 -10.68 4.60 -13.47
CA ASP B 103 -11.90 4.90 -14.18
C ASP B 103 -12.70 3.61 -14.35
N LYS B 104 -12.08 2.57 -14.91
CA LYS B 104 -12.72 1.25 -15.01
C LYS B 104 -13.25 0.80 -13.68
N ALA B 105 -12.50 1.05 -12.61
CA ALA B 105 -12.89 0.59 -11.29
C ALA B 105 -14.26 1.17 -10.96
N LEU B 106 -14.45 2.45 -11.19
CA LEU B 106 -15.76 3.10 -10.94
C LEU B 106 -16.87 2.61 -11.91
N GLU B 107 -16.51 2.47 -13.17
CA GLU B 107 -17.35 1.83 -14.18
C GLU B 107 -17.91 0.46 -13.76
N ILE B 108 -17.12 -0.33 -13.05
CA ILE B 108 -17.59 -1.60 -12.50
C ILE B 108 -18.55 -1.38 -11.35
N VAL B 109 -18.18 -0.49 -10.43
CA VAL B 109 -18.99 -0.19 -9.26
C VAL B 109 -20.43 0.12 -9.68
N GLU B 110 -20.58 0.93 -10.74
CA GLU B 110 -21.89 1.26 -11.29
C GLU B 110 -22.62 0.06 -11.86
N LEU B 111 -21.95 -0.78 -12.64
CA LEU B 111 -22.59 -1.98 -13.18
C LEU B 111 -23.04 -2.88 -12.05
N ALA B 112 -22.19 -3.02 -11.04
CA ALA B 112 -22.52 -3.80 -9.87
C ALA B 112 -23.80 -3.26 -9.24
N HIS B 113 -23.85 -1.94 -9.03
CA HIS B 113 -25.06 -1.32 -8.51
C HIS B 113 -26.27 -1.55 -9.41
N LYS B 114 -26.12 -1.15 -10.67
CA LYS B 114 -27.18 -1.21 -11.65
C LYS B 114 -27.78 -2.60 -11.81
N HIS B 115 -26.93 -3.63 -11.78
CA HIS B 115 -27.35 -4.99 -12.14
C HIS B 115 -27.21 -6.05 -11.06
N TYR B 116 -26.34 -5.86 -10.09
CA TYR B 116 -26.11 -6.89 -9.08
C TYR B 116 -26.08 -6.20 -7.73
N PRO B 117 -27.25 -5.73 -7.30
CA PRO B 117 -27.32 -4.97 -6.06
C PRO B 117 -27.12 -5.84 -4.82
N GLN B 118 -27.25 -7.16 -4.96
CA GLN B 118 -27.03 -8.07 -3.83
C GLN B 118 -25.55 -8.37 -3.61
N LEU B 119 -24.74 -7.82 -4.50
CA LEU B 119 -23.30 -7.99 -4.48
C LEU B 119 -22.70 -6.94 -3.59
N LYS B 120 -21.94 -7.38 -2.60
CA LYS B 120 -21.14 -6.48 -1.77
C LYS B 120 -19.85 -6.19 -2.52
N ILE B 121 -19.25 -5.05 -2.21
CA ILE B 121 -18.07 -4.58 -2.92
C ILE B 121 -17.02 -4.03 -1.97
N VAL B 122 -15.84 -4.68 -1.94
CA VAL B 122 -14.58 -4.04 -1.47
C VAL B 122 -13.76 -3.56 -2.66
N ALA B 123 -13.04 -2.46 -2.48
CA ALA B 123 -12.33 -1.83 -3.59
C ALA B 123 -10.96 -1.21 -3.23
N ARG B 124 -10.03 -1.37 -4.16
CA ARG B 124 -8.72 -0.73 -4.12
C ARG B 124 -8.84 0.71 -4.61
N ALA B 125 -8.52 1.69 -3.78
CA ALA B 125 -8.44 3.06 -4.26
C ALA B 125 -6.97 3.42 -4.45
N ILE B 126 -6.67 4.12 -5.54
CA ILE B 126 -5.29 4.48 -5.89
C ILE B 126 -4.74 5.57 -4.95
N ASP B 127 -5.59 6.54 -4.63
CA ASP B 127 -5.16 7.71 -3.87
C ASP B 127 -6.38 8.44 -3.32
N ARG B 128 -6.14 9.54 -2.59
CA ARG B 128 -7.22 10.29 -1.94
C ARG B 128 -8.36 10.68 -2.88
N ARG B 129 -8.02 11.24 -4.03
CA ARG B 129 -9.00 11.66 -5.04
C ARG B 129 -9.89 10.50 -5.49
N HIS B 130 -9.31 9.37 -5.84
CA HIS B 130 -10.09 8.18 -6.20
C HIS B 130 -11.01 7.69 -5.07
N ALA B 131 -10.53 7.81 -3.83
CA ALA B 131 -11.29 7.40 -2.65
C ALA B 131 -12.53 8.28 -2.52
N TYR B 132 -12.39 9.58 -2.72
CA TYR B 132 -13.53 10.50 -2.78
C TYR B 132 -14.61 10.10 -3.80
N GLN B 133 -14.20 9.48 -4.89
CA GLN B 133 -15.15 9.14 -5.95
C GLN B 133 -15.94 7.91 -5.58
N TYR B 134 -15.28 6.95 -4.93
CA TYR B 134 -15.95 5.76 -4.41
C TYR B 134 -16.98 6.19 -3.43
N LEU B 135 -16.59 7.11 -2.57
CA LEU B 135 -17.46 7.61 -1.53
C LEU B 135 -18.71 8.26 -2.11
N ARG B 136 -18.54 8.97 -3.22
CA ARG B 136 -19.61 9.69 -3.87
C ARG B 136 -20.64 8.74 -4.46
N LEU B 137 -20.22 7.53 -4.79
CA LEU B 137 -21.14 6.47 -5.21
C LEU B 137 -21.47 5.54 -4.05
N GLY B 138 -21.21 6.00 -2.83
CA GLY B 138 -21.62 5.27 -1.63
C GLY B 138 -20.80 4.05 -1.28
N VAL B 139 -19.67 3.85 -1.94
CA VAL B 139 -18.75 2.77 -1.59
C VAL B 139 -17.85 3.28 -0.48
N THR B 140 -17.99 2.67 0.69
CA THR B 140 -17.22 3.09 1.86
C THR B 140 -16.12 2.08 2.20
N SER B 141 -16.34 0.81 1.82
CA SER B 141 -15.36 -0.27 2.02
C SER B 141 -14.32 -0.25 0.93
N PHE B 142 -13.35 0.65 1.07
CA PHE B 142 -12.17 0.65 0.23
C PHE B 142 -10.93 0.92 1.05
N LYS B 143 -9.80 0.81 0.38
CA LYS B 143 -8.50 0.97 1.00
C LYS B 143 -7.59 1.60 -0.04
N ARG B 144 -6.95 2.73 0.29
CA ARG B 144 -5.91 3.30 -0.56
C ARG B 144 -4.71 2.35 -0.59
N GLU B 145 -4.17 2.12 -1.78
CA GLU B 145 -3.25 1.00 -1.99
C GLU B 145 -1.94 1.13 -1.22
N THR B 146 -1.34 2.32 -1.22
CA THR B 146 -0.05 2.56 -0.54
C THR B 146 -0.18 3.06 0.90
N PHE B 147 -1.38 3.20 1.43
CA PHE B 147 -1.53 3.94 2.69
C PHE B 147 -1.08 3.17 3.91
N ASP B 148 -1.53 1.91 4.02
CA ASP B 148 -1.26 1.10 5.19
C ASP B 148 0.20 0.66 5.25
N SER B 149 0.81 0.45 4.08
CA SER B 149 2.24 0.15 4.03
C SER B 149 3.06 1.39 4.40
N ALA B 150 2.65 2.55 3.94
CA ALA B 150 3.37 3.77 4.30
C ALA B 150 3.31 3.99 5.79
N VAL B 151 2.13 3.83 6.37
CA VAL B 151 1.96 4.00 7.82
C VAL B 151 2.90 3.09 8.57
N ASN B 152 2.96 1.85 8.10
CA ASN B 152 3.81 0.86 8.71
C ASN B 152 5.30 1.11 8.51
N LEU B 153 5.68 1.66 7.35
CA LEU B 153 7.06 2.01 7.12
C LEU B 153 7.44 3.06 8.14
N GLY B 154 6.54 4.01 8.37
CA GLY B 154 6.77 5.03 9.38
C GLY B 154 6.73 4.55 10.82
N ILE B 155 6.21 3.35 11.08
CA ILE B 155 6.17 2.80 12.43
C ILE B 155 7.54 2.17 12.65
N GLU B 156 8.01 1.47 11.61
CA GLU B 156 9.40 0.96 11.55
C GLU B 156 10.39 2.09 11.66
N ALA B 157 10.09 3.23 11.06
CA ALA B 157 10.93 4.40 11.22
C ALA B 157 11.01 4.76 12.67
N LEU B 158 9.86 4.97 13.31
CA LEU B 158 9.81 5.44 14.72
C LEU B 158 10.55 4.49 15.66
N THR B 159 10.42 3.19 15.46
CA THR B 159 11.13 2.22 16.29
C THR B 159 12.64 2.36 16.10
N LEU B 160 13.05 2.50 14.84
CA LEU B 160 14.46 2.73 14.51
C LEU B 160 15.03 3.95 15.18
N LEU B 161 14.22 4.96 15.46
CA LEU B 161 14.72 6.10 16.23
C LEU B 161 14.51 5.88 17.74
N GLY B 162 14.36 4.63 18.15
CA GLY B 162 14.28 4.25 19.58
C GLY B 162 13.01 4.65 20.31
N ASN B 163 11.87 4.43 19.69
CA ASN B 163 10.58 4.56 20.37
C ASN B 163 10.09 3.14 20.54
N SER B 164 9.54 2.82 21.71
CA SER B 164 9.10 1.45 21.95
C SER B 164 8.04 1.10 20.92
N SER B 165 8.00 -0.17 20.51
CA SER B 165 6.99 -0.57 19.51
C SER B 165 5.55 -0.20 19.92
N THR B 166 5.23 -0.23 21.22
CA THR B 166 3.88 0.18 21.69
C THR B 166 3.57 1.64 21.37
N VAL B 167 4.50 2.55 21.63
CA VAL B 167 4.24 3.96 21.32
C VAL B 167 4.33 4.20 19.82
N ALA B 168 5.27 3.52 19.17
CA ALA B 168 5.44 3.61 17.73
C ALA B 168 4.13 3.22 17.07
N GLU B 169 3.59 2.05 17.45
CA GLU B 169 2.32 1.55 16.89
C GLU B 169 1.06 2.33 17.30
N ARG B 170 1.05 2.94 18.48
CA ARG B 170 -0.07 3.76 18.90
C ARG B 170 -0.12 5.02 18.04
N ALA B 171 1.05 5.57 17.78
CA ALA B 171 1.21 6.72 16.85
C ALA B 171 0.61 6.44 15.46
N GLY B 172 0.88 5.25 14.94
CA GLY B 172 0.34 4.80 13.68
C GLY B 172 -1.18 4.76 13.67
N ASP B 173 -1.76 4.16 14.71
CA ASP B 173 -3.24 4.02 14.81
C ASP B 173 -3.92 5.36 14.84
N LEU B 174 -3.42 6.22 15.70
CA LEU B 174 -4.05 7.49 15.85
C LEU B 174 -3.94 8.24 14.55
N PHE B 175 -2.80 8.09 13.87
CA PHE B 175 -2.57 8.77 12.60
C PHE B 175 -3.58 8.27 11.55
N SER B 176 -3.65 6.94 11.39
CA SER B 176 -4.65 6.33 10.51
C SER B 176 -6.07 6.79 10.84
N GLN B 177 -6.58 6.36 11.99
CA GLN B 177 -7.95 6.67 12.42
C GLN B 177 -8.35 8.09 12.00
N HIS B 178 -7.51 9.06 12.30
CA HIS B 178 -7.81 10.45 11.97
C HIS B 178 -7.81 10.72 10.46
N ASP B 179 -6.79 10.26 9.77
CA ASP B 179 -6.71 10.47 8.36
C ASP B 179 -7.96 9.93 7.65
N ASN B 180 -8.33 8.68 7.95
CA ASN B 180 -9.52 8.08 7.34
C ASN B 180 -10.77 8.81 7.79
N ALA B 181 -10.91 9.05 9.09
CA ALA B 181 -12.00 9.89 9.59
C ALA B 181 -12.10 11.18 8.76
N SER B 182 -11.08 12.00 8.79
CA SER B 182 -11.16 13.29 8.13
C SER B 182 -11.36 13.19 6.60
N LEU B 183 -10.90 12.12 6.00
CA LEU B 183 -11.18 11.85 4.58
C LEU B 183 -12.69 11.77 4.30
N HIS B 184 -13.40 11.01 5.15
CA HIS B 184 -14.84 10.81 5.02
C HIS B 184 -15.59 12.12 5.19
N GLU B 185 -15.14 12.89 6.17
CA GLU B 185 -15.64 14.26 6.34
C GLU B 185 -15.64 15.12 5.08
N LEU B 186 -14.50 15.20 4.41
CA LEU B 186 -14.28 16.14 3.29
C LEU B 186 -14.60 15.58 1.96
N ALA B 187 -14.98 14.31 1.91
CA ALA B 187 -15.42 13.75 0.65
C ALA B 187 -16.51 14.63 0.02
N ALA B 188 -17.35 15.20 0.89
CA ALA B 188 -18.50 16.06 0.52
C ALA B 188 -18.19 17.30 -0.31
N LEU B 189 -16.97 17.81 -0.24
CA LEU B 189 -16.60 19.03 -1.02
C LEU B 189 -15.86 18.68 -2.31
N TRP B 190 -15.91 17.42 -2.76
CA TRP B 190 -15.14 16.98 -3.94
C TRP B 190 -15.54 17.75 -5.24
N GLY B 191 -14.56 17.99 -6.12
CA GLY B 191 -14.81 18.67 -7.40
C GLY B 191 -14.45 17.80 -8.60
P AMP C . 4.07 7.94 -5.30
O1P AMP C . 3.98 6.59 -5.98
O2P AMP C . 2.95 8.90 -5.63
O3P AMP C . 4.63 7.95 -3.90
O5' AMP C . 5.25 8.77 -6.02
C5' AMP C . 6.65 8.57 -5.84
C4' AMP C . 7.33 9.92 -5.94
O4' AMP C . 8.75 9.81 -6.09
C3' AMP C . 6.83 10.74 -7.11
O3' AMP C . 6.52 12.05 -6.62
C2' AMP C . 8.00 10.80 -8.06
O2' AMP C . 7.93 11.97 -8.88
C1' AMP C . 9.17 10.75 -7.08
N9 AMP C . 10.47 10.23 -7.58
C8 AMP C . 10.67 9.16 -8.37
N7 AMP C . 12.01 8.98 -8.62
C5 AMP C . 12.64 9.95 -7.95
C6 AMP C . 14.03 10.34 -7.76
N6 AMP C . 15.00 9.63 -8.37
N1 AMP C . 14.30 11.40 -7.00
C2 AMP C . 13.33 12.13 -6.40
N3 AMP C . 12.03 11.83 -6.53
C4 AMP C . 11.64 10.77 -7.28
P AMP D . -1.23 -4.64 -9.58
O1P AMP D . -0.04 -5.49 -9.32
O2P AMP D . -2.39 -5.13 -8.74
O3P AMP D . -1.02 -3.11 -9.58
O5' AMP D . -1.63 -5.12 -11.07
C5' AMP D . -2.80 -4.56 -11.68
C4' AMP D . -3.66 -5.64 -12.32
O4' AMP D . -4.87 -5.07 -12.86
C3' AMP D . -2.97 -6.32 -13.48
O3' AMP D . -2.84 -7.73 -13.23
C2' AMP D . -3.84 -6.03 -14.69
O2' AMP D . -3.81 -7.10 -15.65
C1' AMP D . -5.20 -5.80 -14.06
N9 AMP D . -6.21 -5.01 -14.80
C8 AMP D . -6.16 -3.68 -14.99
N7 AMP D . -7.26 -3.22 -15.63
C5 AMP D . -8.04 -4.28 -15.85
C6 AMP D . -9.34 -4.49 -16.48
N6 AMP D . -9.98 -3.43 -17.02
N1 AMP D . -9.83 -5.75 -16.52
C2 AMP D . -9.18 -6.79 -15.97
N3 AMP D . -7.97 -6.66 -15.37
C4 AMP D . -7.36 -5.46 -15.29
#